data_7G91
#
_entry.id   7G91
#
_cell.length_a   71.294
_cell.length_b   71.294
_cell.length_c   196.999
_cell.angle_alpha   90.000
_cell.angle_beta   90.000
_cell.angle_gamma   90.000
#
_symmetry.space_group_name_H-M   'P 43 21 2'
#
loop_
_entity.id
_entity.type
_entity.pdbx_description
1 polymer 'Transforming protein RhoA'
2 polymer 'Rho guanine nucleotide exchange factor 2'
3 non-polymer (4S)-N,2-dimethyl-4,5,6,7-tetrahydro-1,3-benzothiazole-4-carboxamide
4 non-polymer 'DIMETHYL SULFOXIDE'
5 non-polymer 'FORMIC ACID'
6 water water
#
loop_
_entity_poly.entity_id
_entity_poly.type
_entity_poly.pdbx_seq_one_letter_code
_entity_poly.pdbx_strand_id
1 'polypeptide(L)'
;SMAAIRKKLVIVGDGACGKTCLLIVFSKDQFPEVYVPTVFENYVADIEVDGKQVELALWDTAGQEDYDRLRPLSYPDTDV
ILMCFSIDSPDSLENIPEKWTPEVKHFCPNVPIILVGNKKDLRNDEHTRRELAKMKQEPVKPEEGRDMANRIGAFGYMEC
SAKTKDGVREVFEMATRAALQARRG
;
A
2 'polypeptide(L)'
;SMEMDEKDFAADSWSLAVDSSFLQQHKKEVMKQQDVIYELIQTELHHVRTLKIMTRLFRTGMLEELHLEPGVVQGLFPCV
DELSDIHTRFLSQLLERRRQALCPGSTRNFVIHRLGDLLISQFSGPSAEQMCKTYSEFCSRHSKALKLYKELYARDKRFQ
QFIRKVTRPAVLKRHGVQECILLVTQRITKYPLLISRILQHSHGIEEERQDLTTALGLVKELLSNVDEGIYQLEKGARLQ
EIYNR
;
B
#
# COMPACT_ATOMS: atom_id res chain seq x y z
N ALA A 4 -7.85 22.11 -10.81
CA ALA A 4 -7.60 21.15 -9.72
C ALA A 4 -6.11 20.87 -9.52
N ILE A 5 -5.64 21.15 -8.31
CA ILE A 5 -4.24 20.92 -7.98
C ILE A 5 -4.04 19.51 -7.39
N ARG A 6 -2.83 18.95 -7.47
CA ARG A 6 -2.58 17.60 -6.95
C ARG A 6 -1.81 17.67 -5.61
N LYS A 7 -2.39 17.12 -4.56
CA LYS A 7 -1.79 17.11 -3.22
C LYS A 7 -1.62 15.68 -2.71
N LYS A 8 -0.60 15.41 -1.90
CA LYS A 8 -0.33 14.06 -1.40
C LYS A 8 -0.48 14.03 0.10
N LEU A 9 -1.31 13.10 0.58
CA LEU A 9 -1.56 12.86 2.00
C LEU A 9 -0.96 11.48 2.37
N VAL A 10 -0.29 11.38 3.50
CA VAL A 10 0.25 10.13 4.01
C VAL A 10 -0.24 9.96 5.44
N ILE A 11 -0.76 8.77 5.76
CA ILE A 11 -1.21 8.50 7.12
CA ILE A 11 -1.23 8.48 7.10
C ILE A 11 -0.19 7.62 7.82
N VAL A 12 0.20 8.04 9.01
CA VAL A 12 1.20 7.35 9.81
CA VAL A 12 1.21 7.39 9.82
C VAL A 12 0.60 7.00 11.19
N GLY A 13 1.23 6.07 11.88
CA GLY A 13 0.74 5.63 13.19
C GLY A 13 1.03 4.17 13.46
N ASP A 14 0.79 3.73 14.69
CA ASP A 14 1.05 2.35 15.08
C ASP A 14 0.11 1.36 14.39
N GLY A 15 0.50 0.08 14.39
CA GLY A 15 -0.26 -0.99 13.75
C GLY A 15 -1.75 -1.03 14.05
N ALA A 16 -2.14 -0.95 15.33
CA ALA A 16 -3.55 -1.02 15.69
C ALA A 16 -4.21 0.35 15.87
N CYS A 17 -3.66 1.40 15.24
CA CYS A 17 -4.26 2.74 15.36
C CYS A 17 -5.51 2.94 14.47
N GLY A 18 -5.80 1.98 13.57
CA GLY A 18 -6.95 2.00 12.66
C GLY A 18 -6.79 2.90 11.44
N LYS A 19 -5.55 3.15 10.97
CA LYS A 19 -5.35 4.03 9.82
CA LYS A 19 -5.33 4.02 9.81
C LYS A 19 -5.83 3.46 8.49
N THR A 20 -5.69 2.14 8.28
CA THR A 20 -6.13 1.51 7.04
C THR A 20 -7.65 1.58 6.96
N CYS A 21 -8.35 1.33 8.09
CA CYS A 21 -9.81 1.38 8.14
C CYS A 21 -10.30 2.77 7.83
N LEU A 22 -9.61 3.81 8.33
CA LEU A 22 -9.97 5.20 8.06
C LEU A 22 -9.91 5.52 6.54
N LEU A 23 -8.80 5.15 5.85
CA LEU A 23 -8.64 5.36 4.41
C LEU A 23 -9.67 4.59 3.59
N ILE A 24 -10.04 3.37 3.99
CA ILE A 24 -11.00 2.54 3.28
C ILE A 24 -12.41 3.12 3.36
N VAL A 25 -12.88 3.43 4.56
CA VAL A 25 -14.19 4.02 4.79
C VAL A 25 -14.34 5.36 4.04
N PHE A 26 -13.25 6.14 3.93
CA PHE A 26 -13.29 7.39 3.19
C PHE A 26 -13.31 7.13 1.68
N SER A 27 -12.40 6.29 1.17
CA SER A 27 -12.31 6.01 -0.27
C SER A 27 -13.55 5.34 -0.84
N LYS A 28 -14.15 4.40 -0.11
CA LYS A 28 -15.40 3.76 -0.54
C LYS A 28 -16.63 4.68 -0.31
N ASP A 29 -16.51 5.62 0.65
CA ASP A 29 -17.48 6.61 1.15
C ASP A 29 -18.61 5.98 1.99
N GLN A 30 -18.31 4.83 2.62
CA GLN A 30 -19.19 4.07 3.51
C GLN A 30 -18.40 2.94 4.21
N PHE A 31 -18.97 2.37 5.30
CA PHE A 31 -18.32 1.26 6.01
C PHE A 31 -18.64 -0.04 5.24
N PRO A 32 -17.60 -0.81 4.83
CA PRO A 32 -17.86 -2.06 4.07
C PRO A 32 -18.80 -3.03 4.77
N GLU A 33 -19.87 -3.42 4.09
CA GLU A 33 -20.91 -4.28 4.66
C GLU A 33 -20.65 -5.79 4.57
N VAL A 34 -19.88 -6.22 3.56
CA VAL A 34 -19.64 -7.64 3.33
C VAL A 34 -18.21 -8.07 3.70
N TYR A 35 -17.20 -7.25 3.39
CA TYR A 35 -15.82 -7.63 3.68
C TYR A 35 -14.99 -6.38 3.86
N VAL A 36 -14.24 -6.29 4.96
CA VAL A 36 -13.35 -5.16 5.16
C VAL A 36 -12.00 -5.61 4.65
N PRO A 37 -11.42 -4.91 3.68
CA PRO A 37 -10.11 -5.34 3.15
C PRO A 37 -8.95 -5.23 4.12
N THR A 38 -8.02 -6.17 4.01
CA THR A 38 -6.82 -6.20 4.83
C THR A 38 -5.88 -5.05 4.47
N VAL A 39 -5.76 -4.75 3.16
CA VAL A 39 -4.81 -3.74 2.73
C VAL A 39 -5.46 -2.61 1.92
N PHE A 40 -4.75 -1.48 1.84
CA PHE A 40 -5.12 -0.31 1.07
C PHE A 40 -3.95 -0.04 0.10
N GLU A 41 -4.21 0.01 -1.22
CA GLU A 41 -3.16 0.27 -2.22
C GLU A 41 -2.89 1.78 -2.29
N ASN A 42 -3.80 2.54 -2.90
CA ASN A 42 -3.80 3.99 -2.99
C ASN A 42 -5.18 4.47 -3.49
N TYR A 43 -5.40 5.77 -3.52
CA TYR A 43 -6.66 6.34 -3.94
C TYR A 43 -6.43 7.81 -4.28
N VAL A 44 -7.17 8.35 -5.25
CA VAL A 44 -7.06 9.76 -5.59
C VAL A 44 -8.44 10.38 -5.39
N ALA A 45 -8.61 11.13 -4.31
CA ALA A 45 -9.89 11.74 -3.97
C ALA A 45 -10.14 13.06 -4.70
N ASP A 46 -11.38 13.23 -5.18
CA ASP A 46 -11.86 14.46 -5.82
C ASP A 46 -12.54 15.23 -4.71
N ILE A 47 -11.89 16.26 -4.16
CA ILE A 47 -12.43 17.01 -3.03
CA ILE A 47 -12.48 17.01 -3.06
C ILE A 47 -12.59 18.50 -3.37
N GLU A 48 -13.70 19.12 -2.97
CA GLU A 48 -13.87 20.55 -3.16
CA GLU A 48 -13.90 20.56 -3.16
C GLU A 48 -14.03 21.20 -1.78
N VAL A 49 -12.95 21.84 -1.29
CA VAL A 49 -13.00 22.47 0.02
C VAL A 49 -12.91 24.00 -0.08
N ASP A 50 -13.83 24.70 0.59
CA ASP A 50 -13.91 26.16 0.60
C ASP A 50 -13.83 26.78 -0.81
N GLY A 51 -14.46 26.13 -1.79
CA GLY A 51 -14.49 26.61 -3.16
C GLY A 51 -13.39 26.13 -4.07
N LYS A 52 -12.32 25.53 -3.50
CA LYS A 52 -11.18 25.07 -4.30
C LYS A 52 -11.27 23.61 -4.61
N GLN A 53 -10.97 23.23 -5.86
CA GLN A 53 -11.02 21.83 -6.27
CA GLN A 53 -11.04 21.83 -6.27
C GLN A 53 -9.64 21.20 -6.20
N VAL A 54 -9.50 20.11 -5.44
CA VAL A 54 -8.22 19.44 -5.27
C VAL A 54 -8.29 17.93 -5.53
N GLU A 55 -7.26 17.37 -6.20
CA GLU A 55 -7.04 15.95 -6.40
C GLU A 55 -6.09 15.53 -5.24
N LEU A 56 -6.59 14.79 -4.23
CA LEU A 56 -5.80 14.38 -3.07
C LEU A 56 -5.42 12.89 -3.15
N ALA A 57 -4.12 12.57 -3.32
CA ALA A 57 -3.68 11.16 -3.35
C ALA A 57 -3.49 10.67 -1.92
N LEU A 58 -4.12 9.54 -1.57
CA LEU A 58 -4.12 8.95 -0.24
C LEU A 58 -3.20 7.76 -0.13
N TRP A 59 -2.29 7.77 0.84
CA TRP A 59 -1.34 6.69 1.03
C TRP A 59 -1.27 6.27 2.49
N ASP A 60 -0.91 5.02 2.70
CA ASP A 60 -0.79 4.39 4.02
C ASP A 60 0.67 3.95 4.27
N THR A 61 1.07 3.86 5.54
CA THR A 61 2.38 3.30 5.90
C THR A 61 2.22 1.90 6.55
N ALA A 62 1.02 1.32 6.52
CA ALA A 62 0.71 0.01 7.11
C ALA A 62 1.60 -1.09 6.54
N GLY A 63 2.14 -1.89 7.43
CA GLY A 63 3.07 -2.93 7.07
C GLY A 63 4.52 -2.48 7.08
N GLN A 64 4.75 -1.16 7.10
CA GLN A 64 6.09 -0.57 7.07
C GLN A 64 6.66 -0.19 8.43
N GLU A 65 5.95 -0.46 9.52
CA GLU A 65 6.36 -0.06 10.86
C GLU A 65 7.71 -0.67 11.33
N ASP A 66 8.04 -1.93 11.03
CA ASP A 66 9.33 -2.50 11.46
C ASP A 66 10.47 -2.29 10.45
N TYR A 67 10.21 -1.62 9.32
CA TYR A 67 11.21 -1.48 8.26
C TYR A 67 11.65 -0.06 8.08
N ASP A 68 12.65 0.36 8.87
CA ASP A 68 13.14 1.74 8.95
C ASP A 68 13.76 2.30 7.67
N ARG A 69 14.25 1.46 6.77
CA ARG A 69 14.80 1.95 5.50
C ARG A 69 13.80 1.87 4.32
N LEU A 70 12.70 1.11 4.49
CA LEU A 70 11.66 1.00 3.48
C LEU A 70 10.64 2.10 3.69
N ARG A 71 10.23 2.32 4.95
CA ARG A 71 9.22 3.31 5.36
C ARG A 71 9.43 4.75 4.84
N PRO A 72 10.63 5.37 4.94
CA PRO A 72 10.78 6.75 4.47
C PRO A 72 10.53 6.95 2.98
N LEU A 73 10.56 5.88 2.16
CA LEU A 73 10.25 5.97 0.73
C LEU A 73 8.80 6.40 0.47
N SER A 74 7.93 6.41 1.50
CA SER A 74 6.54 6.85 1.40
C SER A 74 6.41 8.37 1.56
N TYR A 75 7.45 9.04 2.12
CA TYR A 75 7.47 10.46 2.45
C TYR A 75 7.75 11.45 1.32
N PRO A 76 8.53 11.16 0.26
CA PRO A 76 8.80 12.21 -0.76
C PRO A 76 7.58 12.92 -1.36
N ASP A 77 7.61 14.26 -1.29
CA ASP A 77 6.62 15.19 -1.83
C ASP A 77 5.29 15.18 -1.10
N THR A 78 5.28 14.83 0.20
CA THR A 78 4.06 14.85 0.99
C THR A 78 3.63 16.33 1.28
N ASP A 79 2.32 16.63 1.18
CA ASP A 79 1.78 17.96 1.43
C ASP A 79 1.03 18.02 2.78
N VAL A 80 0.50 16.86 3.27
CA VAL A 80 -0.13 16.80 4.58
C VAL A 80 0.09 15.41 5.24
N ILE A 81 0.42 15.39 6.55
CA ILE A 81 0.61 14.14 7.30
C ILE A 81 -0.59 13.91 8.25
N LEU A 82 -1.22 12.72 8.21
CA LEU A 82 -2.23 12.38 9.22
C LEU A 82 -1.53 11.49 10.25
N MET A 83 -1.42 11.94 11.48
CA MET A 83 -0.77 11.18 12.53
CA MET A 83 -0.78 11.18 12.55
C MET A 83 -1.86 10.54 13.39
N CYS A 84 -2.05 9.23 13.24
CA CYS A 84 -3.12 8.50 13.90
CA CYS A 84 -3.12 8.50 13.92
C CYS A 84 -2.67 7.82 15.19
N PHE A 85 -3.63 7.63 16.09
CA PHE A 85 -3.56 6.94 17.37
C PHE A 85 -4.98 6.46 17.65
N SER A 86 -5.12 5.45 18.48
CA SER A 86 -6.43 4.88 18.79
C SER A 86 -6.86 5.32 20.17
N ILE A 87 -8.10 5.83 20.32
CA ILE A 87 -8.59 6.28 21.61
C ILE A 87 -8.73 5.12 22.64
N ASP A 88 -8.86 3.88 22.17
CA ASP A 88 -8.88 2.71 23.05
C ASP A 88 -7.46 2.19 23.38
N SER A 89 -6.42 2.96 23.06
CA SER A 89 -5.04 2.55 23.24
C SER A 89 -4.13 3.70 23.71
N PRO A 90 -4.16 4.06 25.00
CA PRO A 90 -3.30 5.16 25.48
C PRO A 90 -1.80 4.98 25.21
N ASP A 91 -1.35 3.74 24.96
CA ASP A 91 0.04 3.46 24.62
C ASP A 91 0.39 3.93 23.20
N SER A 92 -0.60 3.93 22.27
CA SER A 92 -0.35 4.45 20.92
C SER A 92 -0.16 5.97 20.94
N LEU A 93 -0.74 6.68 21.92
CA LEU A 93 -0.57 8.12 22.05
C LEU A 93 0.82 8.47 22.60
N GLU A 94 1.35 7.63 23.50
CA GLU A 94 2.68 7.79 24.08
C GLU A 94 3.79 7.66 23.01
N ASN A 95 3.57 6.86 21.95
CA ASN A 95 4.56 6.70 20.89
C ASN A 95 4.66 7.89 19.92
N ILE A 96 3.61 8.72 19.88
CA ILE A 96 3.55 9.88 19.00
C ILE A 96 4.73 10.86 19.18
N PRO A 97 5.02 11.41 20.39
CA PRO A 97 6.10 12.41 20.49
C PRO A 97 7.54 11.90 20.42
N GLU A 98 7.79 10.62 20.76
CA GLU A 98 9.16 10.13 20.77
C GLU A 98 9.50 9.18 19.61
N LYS A 99 8.49 8.62 18.93
CA LYS A 99 8.76 7.74 17.81
C LYS A 99 8.40 8.37 16.46
N TRP A 100 7.14 8.77 16.26
CA TRP A 100 6.68 9.26 14.97
C TRP A 100 6.98 10.71 14.65
N THR A 101 6.84 11.60 15.63
CA THR A 101 7.08 13.02 15.43
C THR A 101 8.54 13.34 14.97
N PRO A 102 9.59 12.78 15.61
CA PRO A 102 10.96 13.06 15.13
C PRO A 102 11.22 12.62 13.68
N GLU A 103 10.59 11.51 13.25
CA GLU A 103 10.74 10.95 11.91
C GLU A 103 10.01 11.77 10.85
N VAL A 104 8.78 12.12 11.15
CA VAL A 104 7.96 12.91 10.25
C VAL A 104 8.57 14.30 10.02
N LYS A 105 9.18 14.89 11.08
CA LYS A 105 9.80 16.21 10.96
C LYS A 105 11.14 16.23 10.23
N HIS A 106 11.89 15.12 10.22
CA HIS A 106 13.17 15.02 9.52
C HIS A 106 12.94 14.83 8.01
N PHE A 107 12.02 13.91 7.64
CA PHE A 107 11.73 13.59 6.24
C PHE A 107 10.70 14.50 5.59
N CYS A 108 9.91 15.23 6.39
CA CYS A 108 8.88 16.11 5.87
C CYS A 108 8.95 17.42 6.64
N PRO A 109 10.07 18.17 6.50
CA PRO A 109 10.18 19.44 7.24
C PRO A 109 9.15 20.43 6.72
N ASN A 110 8.53 21.17 7.64
CA ASN A 110 7.55 22.21 7.32
C ASN A 110 6.21 21.71 6.78
N VAL A 111 5.99 20.40 6.69
CA VAL A 111 4.72 19.86 6.23
C VAL A 111 3.73 19.88 7.39
N PRO A 112 2.48 20.38 7.21
CA PRO A 112 1.51 20.33 8.31
C PRO A 112 1.16 18.89 8.76
N ILE A 113 1.02 18.69 10.07
CA ILE A 113 0.66 17.38 10.65
C ILE A 113 -0.67 17.54 11.36
N ILE A 114 -1.65 16.68 11.12
CA ILE A 114 -2.91 16.70 11.85
C ILE A 114 -2.91 15.47 12.74
N LEU A 115 -3.02 15.64 14.06
CA LEU A 115 -3.07 14.50 14.98
C LEU A 115 -4.53 14.05 15.04
N VAL A 116 -4.80 12.80 14.65
CA VAL A 116 -6.15 12.26 14.58
C VAL A 116 -6.33 11.10 15.55
N GLY A 117 -7.29 11.24 16.46
CA GLY A 117 -7.64 10.19 17.39
C GLY A 117 -8.75 9.38 16.76
N ASN A 118 -8.48 8.10 16.47
CA ASN A 118 -9.44 7.19 15.85
CA ASN A 118 -9.49 7.25 15.85
C ASN A 118 -10.23 6.39 16.89
N LYS A 119 -11.35 5.75 16.46
CA LYS A 119 -12.18 4.90 17.28
C LYS A 119 -12.80 5.60 18.48
N LYS A 120 -13.19 6.88 18.32
CA LYS A 120 -13.78 7.63 19.42
C LYS A 120 -15.05 6.99 19.98
N ASP A 121 -15.69 6.06 19.22
CA ASP A 121 -16.88 5.30 19.62
C ASP A 121 -16.55 4.41 20.84
N LEU A 122 -15.32 3.87 20.90
CA LEU A 122 -14.85 3.02 21.98
C LEU A 122 -14.67 3.75 23.34
N ARG A 123 -14.76 5.09 23.35
CA ARG A 123 -14.73 5.87 24.59
C ARG A 123 -15.98 5.57 25.48
N ASN A 124 -17.05 5.02 24.87
CA ASN A 124 -18.28 4.64 25.55
C ASN A 124 -18.57 3.13 25.41
N ASP A 125 -17.53 2.32 25.21
CA ASP A 125 -17.64 0.86 25.09
C ASP A 125 -17.32 0.26 26.46
N GLU A 126 -18.21 -0.59 26.98
CA GLU A 126 -18.02 -1.17 28.30
C GLU A 126 -16.91 -2.20 28.32
N HIS A 127 -16.78 -2.98 27.24
CA HIS A 127 -15.70 -3.98 27.14
C HIS A 127 -14.33 -3.28 27.08
N THR A 128 -14.27 -2.11 26.41
CA THR A 128 -13.05 -1.32 26.27
C THR A 128 -12.63 -0.78 27.64
N ARG A 129 -13.57 -0.20 28.39
CA ARG A 129 -13.27 0.31 29.72
C ARG A 129 -12.85 -0.78 30.69
N ARG A 130 -13.48 -1.97 30.62
CA ARG A 130 -13.12 -3.09 31.48
C ARG A 130 -11.71 -3.63 31.17
N GLU A 131 -11.39 -3.82 29.88
CA GLU A 131 -10.07 -4.32 29.50
C GLU A 131 -8.94 -3.36 29.89
N LEU A 132 -9.17 -2.05 29.72
CA LEU A 132 -8.16 -1.04 30.03
C LEU A 132 -7.94 -0.89 31.53
N ALA A 133 -9.02 -0.97 32.35
CA ALA A 133 -8.91 -0.87 33.81
C ALA A 133 -8.05 -1.99 34.40
N LYS A 134 -8.02 -3.16 33.76
CA LYS A 134 -7.18 -4.27 34.21
C LYS A 134 -5.66 -3.99 34.07
N MET A 135 -5.28 -2.93 33.31
CA MET A 135 -3.90 -2.50 33.14
C MET A 135 -3.65 -1.09 33.69
N LYS A 136 -4.50 -0.63 34.64
CA LYS A 136 -4.47 0.68 35.27
C LYS A 136 -4.56 1.78 34.22
N GLN A 137 -5.54 1.64 33.30
CA GLN A 137 -5.74 2.58 32.20
C GLN A 137 -7.21 2.92 31.90
N GLU A 138 -7.42 3.99 31.13
CA GLU A 138 -8.73 4.46 30.70
C GLU A 138 -8.62 4.99 29.27
N PRO A 139 -9.73 5.07 28.48
CA PRO A 139 -9.60 5.62 27.12
C PRO A 139 -9.07 7.04 27.13
N VAL A 140 -8.31 7.42 26.09
CA VAL A 140 -7.72 8.75 25.92
C VAL A 140 -8.81 9.82 25.98
N LYS A 141 -8.64 10.77 26.90
CA LYS A 141 -9.59 11.87 27.08
C LYS A 141 -9.37 12.94 26.00
N PRO A 142 -10.43 13.69 25.63
CA PRO A 142 -10.28 14.75 24.60
C PRO A 142 -9.17 15.76 24.89
N GLU A 143 -9.02 16.18 26.16
CA GLU A 143 -7.98 17.14 26.55
C GLU A 143 -6.56 16.56 26.44
N GLU A 144 -6.42 15.24 26.61
CA GLU A 144 -5.14 14.57 26.48
C GLU A 144 -4.68 14.59 25.01
N GLY A 145 -5.61 14.39 24.08
CA GLY A 145 -5.33 14.44 22.66
C GLY A 145 -4.93 15.84 22.24
N ARG A 146 -5.69 16.86 22.69
CA ARG A 146 -5.39 18.25 22.38
C ARG A 146 -4.04 18.67 22.96
N ASP A 147 -3.75 18.25 24.21
CA ASP A 147 -2.45 18.56 24.82
C ASP A 147 -1.29 17.95 24.00
N MET A 148 -1.43 16.72 23.50
CA MET A 148 -0.39 16.09 22.69
C MET A 148 -0.19 16.80 21.35
N ALA A 149 -1.30 17.15 20.69
CA ALA A 149 -1.27 17.87 19.42
C ALA A 149 -0.56 19.23 19.60
N ASN A 150 -0.77 19.88 20.74
CA ASN A 150 -0.12 21.12 21.09
C ASN A 150 1.38 20.90 21.33
N ARG A 151 1.73 19.95 22.22
CA ARG A 151 3.09 19.57 22.56
C ARG A 151 3.95 19.25 21.32
N ILE A 152 3.39 18.55 20.30
CA ILE A 152 4.16 18.20 19.11
C ILE A 152 4.13 19.26 17.98
N GLY A 153 3.37 20.34 18.15
CA GLY A 153 3.29 21.39 17.14
C GLY A 153 2.44 20.99 15.94
N ALA A 154 1.30 20.34 16.21
CA ALA A 154 0.41 19.91 15.13
C ALA A 154 -0.36 21.09 14.60
N PHE A 155 -0.77 21.01 13.34
CA PHE A 155 -1.62 21.99 12.70
C PHE A 155 -3.00 21.98 13.42
N GLY A 156 -3.48 20.79 13.78
CA GLY A 156 -4.74 20.63 14.48
C GLY A 156 -4.92 19.27 15.11
N TYR A 157 -5.99 19.13 15.90
CA TYR A 157 -6.38 17.89 16.57
C TYR A 157 -7.83 17.56 16.17
N MET A 158 -8.03 16.35 15.68
CA MET A 158 -9.36 15.90 15.26
C MET A 158 -9.65 14.51 15.74
N GLU A 159 -10.93 14.15 15.85
CA GLU A 159 -11.36 12.81 16.27
C GLU A 159 -12.41 12.27 15.30
N CYS A 160 -12.42 10.97 15.13
CA CYS A 160 -13.36 10.34 14.22
C CYS A 160 -13.61 8.91 14.64
N SER A 161 -14.64 8.32 14.05
CA SER A 161 -14.99 6.91 14.22
C SER A 161 -15.16 6.32 12.83
N ALA A 162 -14.20 5.50 12.35
CA ALA A 162 -14.34 4.89 11.01
C ALA A 162 -15.54 3.91 10.94
N LYS A 163 -15.90 3.28 12.07
CA LYS A 163 -17.02 2.34 12.16
C LYS A 163 -18.37 3.06 11.94
N THR A 164 -18.58 4.21 12.58
CA THR A 164 -19.82 4.97 12.45
C THR A 164 -19.76 6.09 11.39
N LYS A 165 -18.58 6.30 10.75
CA LYS A 165 -18.32 7.33 9.76
C LYS A 165 -18.31 8.77 10.31
N ASP A 166 -18.55 8.95 11.63
CA ASP A 166 -18.56 10.30 12.22
C ASP A 166 -17.21 10.98 12.23
N GLY A 167 -17.16 12.18 11.66
CA GLY A 167 -15.97 13.01 11.60
C GLY A 167 -14.97 12.64 10.53
N VAL A 168 -15.27 11.66 9.69
CA VAL A 168 -14.34 11.21 8.66
C VAL A 168 -14.24 12.21 7.49
N ARG A 169 -15.38 12.68 6.94
CA ARG A 169 -15.40 13.68 5.86
C ARG A 169 -14.62 14.95 6.27
N GLU A 170 -14.82 15.41 7.50
CA GLU A 170 -14.20 16.59 8.08
C GLU A 170 -12.68 16.49 8.23
N VAL A 171 -12.14 15.32 8.59
CA VAL A 171 -10.69 15.13 8.71
C VAL A 171 -10.03 15.34 7.34
N PHE A 172 -10.61 14.77 6.27
CA PHE A 172 -10.03 14.86 4.93
C PHE A 172 -10.28 16.24 4.27
N GLU A 173 -11.37 16.92 4.62
CA GLU A 173 -11.57 18.29 4.11
C GLU A 173 -10.54 19.23 4.78
N MET A 174 -10.30 19.05 6.09
CA MET A 174 -9.32 19.82 6.82
C MET A 174 -7.89 19.54 6.33
N ALA A 175 -7.58 18.25 6.06
CA ALA A 175 -6.26 17.87 5.53
C ALA A 175 -5.99 18.55 4.19
N THR A 176 -7.04 18.69 3.35
CA THR A 176 -6.95 19.34 2.04
C THR A 176 -6.61 20.79 2.22
N ARG A 177 -7.28 21.46 3.17
CA ARG A 177 -7.04 22.85 3.53
C ARG A 177 -5.59 23.04 4.03
N ALA A 178 -5.08 22.14 4.91
CA ALA A 178 -3.71 22.22 5.40
C ALA A 178 -2.70 22.03 4.28
N ALA A 179 -2.96 21.09 3.36
CA ALA A 179 -2.09 20.84 2.20
C ALA A 179 -2.00 22.07 1.29
N LEU A 180 -3.10 22.87 1.22
CA LEU A 180 -3.23 24.07 0.39
C LEU A 180 -2.51 25.30 0.96
N GLN A 181 -2.43 25.43 2.30
CA GLN A 181 -1.78 26.60 2.92
C GLN A 181 -0.29 26.68 2.62
N SER B 1 -4.09 -6.03 -17.69
CA SER B 1 -4.72 -7.30 -17.41
CA SER B 1 -4.78 -7.27 -17.37
C SER B 1 -5.69 -7.73 -18.51
N MET B 2 -5.99 -9.03 -18.57
CA MET B 2 -6.86 -9.62 -19.56
C MET B 2 -8.28 -9.75 -19.00
N GLU B 3 -9.29 -9.55 -19.84
CA GLU B 3 -10.70 -9.55 -19.48
C GLU B 3 -11.15 -10.77 -18.66
N MET B 4 -10.62 -11.97 -18.99
CA MET B 4 -10.92 -13.22 -18.30
CA MET B 4 -10.96 -13.20 -18.28
C MET B 4 -10.65 -13.08 -16.80
N ASP B 5 -9.48 -12.51 -16.47
CA ASP B 5 -9.03 -12.31 -15.10
C ASP B 5 -9.72 -11.15 -14.44
N GLU B 6 -9.95 -10.03 -15.16
CA GLU B 6 -10.67 -8.89 -14.59
C GLU B 6 -12.07 -9.27 -14.13
N LYS B 7 -12.81 -10.08 -14.92
CA LYS B 7 -14.16 -10.46 -14.54
C LYS B 7 -14.14 -11.39 -13.35
N ASP B 8 -13.20 -12.36 -13.32
CA ASP B 8 -13.07 -13.27 -12.18
C ASP B 8 -12.75 -12.52 -10.88
N PHE B 9 -12.17 -11.31 -10.97
CA PHE B 9 -11.81 -10.52 -9.80
C PHE B 9 -12.53 -9.18 -9.74
N ALA B 10 -13.69 -9.03 -10.40
CA ALA B 10 -14.42 -7.77 -10.37
C ALA B 10 -15.13 -7.56 -9.06
N ALA B 11 -15.60 -8.65 -8.40
CA ALA B 11 -16.32 -8.56 -7.13
C ALA B 11 -15.45 -8.05 -5.99
N ASP B 12 -16.10 -7.40 -5.01
CA ASP B 12 -15.43 -6.88 -3.84
C ASP B 12 -14.96 -7.98 -2.87
N SER B 13 -15.51 -9.21 -2.97
CA SER B 13 -15.06 -10.30 -2.11
C SER B 13 -15.31 -11.69 -2.73
N TRP B 14 -14.78 -12.77 -2.13
CA TRP B 14 -15.04 -14.11 -2.60
C TRP B 14 -16.53 -14.45 -2.43
N SER B 15 -17.15 -14.03 -1.30
CA SER B 15 -18.57 -14.32 -1.05
CA SER B 15 -18.58 -14.26 -1.01
C SER B 15 -19.49 -13.68 -2.10
N LEU B 16 -19.06 -12.58 -2.73
CA LEU B 16 -19.79 -11.93 -3.80
C LEU B 16 -19.38 -12.50 -5.20
N ALA B 17 -18.13 -13.00 -5.34
CA ALA B 17 -17.67 -13.58 -6.61
C ALA B 17 -18.32 -14.96 -6.93
N VAL B 18 -18.48 -15.84 -5.93
CA VAL B 18 -19.07 -17.16 -6.15
C VAL B 18 -20.61 -17.06 -6.23
N ASP B 19 -21.28 -18.08 -6.79
CA ASP B 19 -22.75 -18.13 -6.84
C ASP B 19 -23.29 -18.19 -5.40
N SER B 20 -24.45 -17.56 -5.12
CA SER B 20 -25.03 -17.58 -3.75
C SER B 20 -25.44 -18.98 -3.28
N SER B 21 -25.80 -19.85 -4.21
CA SER B 21 -26.15 -21.23 -3.90
C SER B 21 -24.90 -22.07 -3.57
N PHE B 22 -23.73 -21.68 -4.09
CA PHE B 22 -22.48 -22.37 -3.79
C PHE B 22 -21.99 -21.91 -2.40
N LEU B 23 -22.10 -20.59 -2.14
CA LEU B 23 -21.73 -19.95 -0.87
C LEU B 23 -22.47 -20.61 0.32
N GLN B 24 -23.81 -20.77 0.22
CA GLN B 24 -24.67 -21.38 1.25
C GLN B 24 -24.16 -22.74 1.70
N GLN B 25 -23.47 -23.48 0.82
CA GLN B 25 -22.96 -24.81 1.15
C GLN B 25 -21.71 -24.79 2.05
N HIS B 26 -21.13 -23.61 2.33
CA HIS B 26 -19.90 -23.54 3.10
C HIS B 26 -20.01 -22.99 4.51
N LYS B 27 -19.11 -23.42 5.40
CA LYS B 27 -19.07 -22.94 6.78
C LYS B 27 -18.53 -21.53 6.81
N LYS B 28 -18.95 -20.72 7.79
CA LYS B 28 -18.52 -19.33 7.91
C LYS B 28 -16.99 -19.15 7.89
N GLU B 29 -16.27 -20.05 8.58
CA GLU B 29 -14.81 -19.99 8.69
C GLU B 29 -14.11 -20.18 7.35
N VAL B 30 -14.70 -21.00 6.47
CA VAL B 30 -14.18 -21.22 5.14
C VAL B 30 -14.38 -19.96 4.31
N MET B 31 -15.58 -19.36 4.37
CA MET B 31 -15.92 -18.14 3.66
C MET B 31 -14.93 -17.01 4.03
N LYS B 32 -14.62 -16.89 5.34
CA LYS B 32 -13.68 -15.90 5.86
C LYS B 32 -12.26 -16.12 5.33
N GLN B 33 -11.79 -17.37 5.28
CA GLN B 33 -10.46 -17.70 4.76
C GLN B 33 -10.41 -17.42 3.25
N GLN B 34 -11.49 -17.79 2.53
CA GLN B 34 -11.56 -17.60 1.10
C GLN B 34 -11.60 -16.14 0.68
N ASP B 35 -12.20 -15.29 1.50
CA ASP B 35 -12.25 -13.85 1.22
C ASP B 35 -10.83 -13.25 1.24
N VAL B 36 -10.00 -13.65 2.22
CA VAL B 36 -8.63 -13.12 2.30
C VAL B 36 -7.76 -13.67 1.17
N ILE B 37 -7.97 -14.94 0.80
CA ILE B 37 -7.22 -15.54 -0.32
C ILE B 37 -7.56 -14.83 -1.63
N TYR B 38 -8.84 -14.50 -1.83
CA TYR B 38 -9.32 -13.78 -2.98
C TYR B 38 -8.67 -12.38 -3.03
N GLU B 39 -8.57 -11.71 -1.88
CA GLU B 39 -7.92 -10.42 -1.80
C GLU B 39 -6.43 -10.51 -2.17
N LEU B 40 -5.74 -11.57 -1.72
CA LEU B 40 -4.33 -11.75 -2.05
C LEU B 40 -4.14 -11.84 -3.58
N ILE B 41 -4.97 -12.63 -4.26
CA ILE B 41 -4.87 -12.79 -5.71
C ILE B 41 -5.30 -11.52 -6.42
N GLN B 42 -6.44 -10.92 -6.05
CA GLN B 42 -6.92 -9.69 -6.68
C GLN B 42 -5.87 -8.57 -6.63
N THR B 43 -5.23 -8.36 -5.47
CA THR B 43 -4.21 -7.32 -5.34
C THR B 43 -2.92 -7.69 -6.08
N GLU B 44 -2.64 -9.00 -6.27
CA GLU B 44 -1.48 -9.45 -7.04
C GLU B 44 -1.69 -9.17 -8.54
N LEU B 45 -2.94 -9.36 -9.02
CA LEU B 45 -3.38 -9.06 -10.37
C LEU B 45 -3.21 -7.55 -10.59
N HIS B 46 -3.64 -6.72 -9.63
CA HIS B 46 -3.46 -5.26 -9.71
C HIS B 46 -1.99 -4.84 -9.71
N HIS B 47 -1.14 -5.51 -8.91
CA HIS B 47 0.27 -5.26 -8.85
C HIS B 47 0.91 -5.54 -10.19
N VAL B 48 0.59 -6.70 -10.81
CA VAL B 48 1.09 -7.10 -12.14
C VAL B 48 0.60 -6.10 -13.20
N ARG B 49 -0.62 -5.60 -13.05
CA ARG B 49 -1.17 -4.60 -13.96
C ARG B 49 -0.37 -3.26 -13.88
N THR B 50 0.05 -2.86 -12.67
CA THR B 50 0.88 -1.67 -12.44
C THR B 50 2.22 -1.81 -13.17
N LEU B 51 2.84 -3.01 -13.07
CA LEU B 51 4.11 -3.27 -13.71
C LEU B 51 3.99 -3.26 -15.26
N LYS B 52 2.80 -3.64 -15.81
CA LYS B 52 2.61 -3.60 -17.26
C LYS B 52 2.43 -2.16 -17.76
N ILE B 53 1.83 -1.28 -16.93
CA ILE B 53 1.68 0.15 -17.25
C ILE B 53 3.09 0.76 -17.30
N MET B 54 3.97 0.38 -16.36
CA MET B 54 5.34 0.91 -16.34
C MET B 54 6.18 0.48 -17.51
N THR B 55 6.05 -0.78 -17.98
CA THR B 55 6.87 -1.28 -19.08
C THR B 55 6.29 -0.95 -20.44
N ARG B 56 5.00 -1.27 -20.68
CA ARG B 56 4.37 -1.05 -21.97
C ARG B 56 3.92 0.37 -22.21
N LEU B 57 3.21 0.98 -21.24
CA LEU B 57 2.72 2.34 -21.44
C LEU B 57 3.79 3.41 -21.28
N PHE B 58 4.44 3.50 -20.11
CA PHE B 58 5.45 4.52 -19.87
C PHE B 58 6.80 4.27 -20.56
N ARG B 59 7.55 3.22 -20.14
CA ARG B 59 8.88 2.90 -20.64
C ARG B 59 8.94 2.77 -22.18
N THR B 60 8.23 1.77 -22.74
CA THR B 60 8.25 1.55 -24.18
C THR B 60 7.68 2.75 -24.93
N GLY B 61 6.66 3.40 -24.38
CA GLY B 61 6.08 4.59 -24.97
C GLY B 61 7.10 5.71 -25.11
N MET B 62 7.97 5.86 -24.08
CA MET B 62 9.05 6.87 -24.09
C MET B 62 10.12 6.49 -25.10
N LEU B 63 10.50 5.21 -25.16
CA LEU B 63 11.51 4.73 -26.10
C LEU B 63 11.09 4.84 -27.55
N GLU B 64 9.81 4.61 -27.86
CA GLU B 64 9.33 4.66 -29.23
C GLU B 64 8.77 6.04 -29.69
N GLU B 65 8.58 7.00 -28.77
N GLU B 65 8.16 6.82 -28.79
CA GLU B 65 8.10 8.34 -29.10
CA GLU B 65 7.52 8.08 -29.17
C GLU B 65 9.04 9.51 -28.75
C GLU B 65 8.38 9.31 -28.92
N LEU B 66 9.96 9.35 -27.78
N LEU B 66 9.24 9.26 -27.92
CA LEU B 66 10.85 10.45 -27.39
CA LEU B 66 10.15 10.37 -27.62
C LEU B 66 12.33 10.22 -27.74
C LEU B 66 11.59 10.11 -28.09
N HIS B 67 13.12 11.32 -27.77
N HIS B 67 11.95 8.83 -28.35
CA HIS B 67 14.54 11.27 -28.09
CA HIS B 67 13.28 8.40 -28.77
C HIS B 67 15.37 11.51 -26.82
C HIS B 67 14.33 8.82 -27.73
N LEU B 68 15.03 10.82 -25.72
N LEU B 68 14.00 8.67 -26.45
CA LEU B 68 15.74 10.97 -24.45
CA LEU B 68 14.88 9.04 -25.35
C LEU B 68 17.16 10.43 -24.53
C LEU B 68 16.07 8.07 -25.22
N GLU B 69 18.06 11.01 -23.73
N GLU B 69 17.18 8.58 -24.66
CA GLU B 69 19.45 10.56 -23.70
CA GLU B 69 18.39 7.77 -24.47
C GLU B 69 19.57 9.09 -23.29
C GLU B 69 18.08 6.66 -23.45
N PRO B 70 20.51 8.33 -23.88
N PRO B 70 18.53 5.43 -23.73
CA PRO B 70 20.63 6.90 -23.50
CA PRO B 70 18.22 4.31 -22.81
C PRO B 70 20.87 6.69 -22.00
C PRO B 70 18.69 4.45 -21.37
N GLY B 71 20.07 5.81 -21.39
N GLY B 71 19.69 5.29 -21.12
CA GLY B 71 20.17 5.49 -19.97
CA GLY B 71 20.18 5.53 -19.77
C GLY B 71 19.21 6.27 -19.09
C GLY B 71 19.24 6.37 -18.94
N VAL B 72 18.47 7.25 -19.66
N VAL B 72 18.45 7.23 -19.60
CA VAL B 72 17.50 8.05 -18.92
CA VAL B 72 17.47 8.08 -18.92
C VAL B 72 16.26 7.20 -18.58
C VAL B 72 16.22 7.25 -18.59
N VAL B 73 15.73 6.47 -19.58
CA VAL B 73 14.56 5.60 -19.41
C VAL B 73 14.81 4.48 -18.37
N GLN B 74 16.06 3.94 -18.32
CA GLN B 74 16.46 2.92 -17.36
CA GLN B 74 16.42 2.92 -17.35
C GLN B 74 16.42 3.48 -15.92
N GLY B 75 16.84 4.74 -15.78
CA GLY B 75 16.86 5.42 -14.48
C GLY B 75 15.48 5.79 -13.97
N LEU B 76 14.50 5.97 -14.90
CA LEU B 76 13.13 6.28 -14.53
C LEU B 76 12.41 5.01 -14.08
N PHE B 77 12.68 3.86 -14.70
CA PHE B 77 12.02 2.59 -14.36
C PHE B 77 13.04 1.48 -14.09
N PRO B 78 13.82 1.56 -12.98
CA PRO B 78 14.82 0.49 -12.73
C PRO B 78 14.19 -0.87 -12.42
N CYS B 79 14.83 -1.98 -12.82
CA CYS B 79 14.43 -3.39 -12.58
C CYS B 79 12.99 -3.74 -12.95
N VAL B 80 12.28 -2.95 -13.77
CA VAL B 80 10.87 -3.22 -14.09
CA VAL B 80 10.88 -3.20 -14.06
C VAL B 80 10.67 -4.53 -14.85
N ASP B 81 11.61 -4.89 -15.74
CA ASP B 81 11.51 -6.15 -16.47
C ASP B 81 11.69 -7.33 -15.53
N GLU B 82 12.68 -7.28 -14.64
CA GLU B 82 12.93 -8.35 -13.68
CA GLU B 82 12.92 -8.35 -13.69
C GLU B 82 11.76 -8.48 -12.72
N LEU B 83 11.18 -7.34 -12.28
CA LEU B 83 10.05 -7.31 -11.37
C LEU B 83 8.80 -7.89 -12.00
N SER B 84 8.55 -7.51 -13.26
CA SER B 84 7.39 -7.99 -14.00
C SER B 84 7.48 -9.50 -14.20
N ASP B 85 8.68 -10.04 -14.46
CA ASP B 85 8.85 -11.47 -14.63
C ASP B 85 8.60 -12.24 -13.32
N ILE B 86 9.12 -11.74 -12.19
CA ILE B 86 8.95 -12.36 -10.87
C ILE B 86 7.44 -12.45 -10.52
N HIS B 87 6.72 -11.30 -10.64
CA HIS B 87 5.32 -11.21 -10.25
C HIS B 87 4.36 -11.84 -11.25
N THR B 88 4.66 -11.82 -12.57
CA THR B 88 3.79 -12.50 -13.54
C THR B 88 3.84 -14.03 -13.32
N ARG B 89 5.00 -14.57 -12.90
CA ARG B 89 5.12 -15.99 -12.64
C ARG B 89 4.37 -16.38 -11.38
N PHE B 90 4.43 -15.53 -10.34
CA PHE B 90 3.75 -15.81 -9.09
C PHE B 90 2.25 -15.71 -9.28
N LEU B 91 1.78 -14.70 -10.05
CA LEU B 91 0.35 -14.55 -10.36
C LEU B 91 -0.13 -15.76 -11.20
N SER B 92 0.70 -16.24 -12.13
CA SER B 92 0.36 -17.39 -12.97
CA SER B 92 0.34 -17.39 -12.96
C SER B 92 0.03 -18.63 -12.12
N GLN B 93 0.82 -18.87 -11.08
CA GLN B 93 0.62 -20.00 -10.19
C GLN B 93 -0.58 -19.83 -9.29
N LEU B 94 -0.87 -18.58 -8.88
CA LEU B 94 -2.04 -18.29 -8.02
C LEU B 94 -3.32 -18.54 -8.79
N LEU B 95 -3.36 -18.09 -10.07
CA LEU B 95 -4.50 -18.24 -10.95
C LEU B 95 -4.68 -19.70 -11.38
N GLU B 96 -3.59 -20.46 -11.51
CA GLU B 96 -3.69 -21.88 -11.89
C GLU B 96 -4.18 -22.73 -10.70
N ARG B 97 -3.83 -22.34 -9.47
CA ARG B 97 -4.31 -22.98 -8.26
C ARG B 97 -5.85 -22.72 -8.14
N ARG B 98 -6.34 -21.51 -8.49
CA ARG B 98 -7.78 -21.22 -8.47
C ARG B 98 -8.51 -22.01 -9.54
N ARG B 99 -7.91 -22.11 -10.74
CA ARG B 99 -8.56 -22.80 -11.85
CA ARG B 99 -8.51 -22.80 -11.87
C ARG B 99 -8.70 -24.29 -11.61
N GLN B 100 -7.69 -24.94 -10.99
CA GLN B 100 -7.79 -26.36 -10.66
C GLN B 100 -8.91 -26.60 -9.62
N ALA B 101 -9.18 -25.62 -8.76
CA ALA B 101 -10.17 -25.72 -7.70
C ALA B 101 -11.63 -25.49 -8.16
N LEU B 102 -11.83 -25.03 -9.41
CA LEU B 102 -13.18 -24.75 -9.91
C LEU B 102 -13.99 -26.01 -9.99
N CYS B 103 -15.28 -25.90 -9.71
CA CYS B 103 -16.20 -27.00 -9.86
C CYS B 103 -16.40 -27.25 -11.34
N PRO B 104 -16.62 -28.51 -11.77
CA PRO B 104 -16.98 -28.75 -13.18
C PRO B 104 -18.31 -28.06 -13.50
N GLY B 105 -18.42 -27.48 -14.70
CA GLY B 105 -19.58 -26.70 -15.13
C GLY B 105 -19.57 -25.27 -14.62
N SER B 106 -18.48 -24.85 -13.96
CA SER B 106 -18.41 -23.53 -13.39
C SER B 106 -17.11 -22.81 -13.71
N THR B 107 -17.21 -21.51 -13.97
CA THR B 107 -16.02 -20.68 -14.13
C THR B 107 -15.83 -19.71 -12.94
N ARG B 108 -16.70 -19.79 -11.90
CA ARG B 108 -16.57 -18.89 -10.75
C ARG B 108 -16.55 -19.55 -9.37
N ASN B 109 -17.16 -20.74 -9.21
CA ASN B 109 -17.23 -21.42 -7.92
C ASN B 109 -16.02 -22.24 -7.60
N PHE B 110 -15.21 -21.81 -6.63
CA PHE B 110 -14.00 -22.52 -6.24
C PHE B 110 -13.71 -22.38 -4.75
N VAL B 111 -12.84 -23.23 -4.22
CA VAL B 111 -12.37 -23.19 -2.83
C VAL B 111 -10.88 -23.58 -2.86
N ILE B 112 -9.99 -22.74 -2.36
CA ILE B 112 -8.57 -23.06 -2.31
C ILE B 112 -8.22 -23.55 -0.91
N HIS B 113 -7.95 -24.86 -0.79
CA HIS B 113 -7.62 -25.51 0.48
C HIS B 113 -6.13 -25.48 0.78
N ARG B 114 -5.30 -25.53 -0.27
N ARG B 114 -5.29 -25.52 -0.26
CA ARG B 114 -3.85 -25.53 -0.10
CA ARG B 114 -3.85 -25.53 -0.10
C ARG B 114 -3.23 -24.28 -0.70
C ARG B 114 -3.23 -24.27 -0.71
N LEU B 115 -2.56 -23.47 0.11
N LEU B 115 -2.57 -23.46 0.11
CA LEU B 115 -1.94 -22.24 -0.36
CA LEU B 115 -1.93 -22.24 -0.37
C LEU B 115 -0.52 -22.06 0.21
C LEU B 115 -0.52 -22.06 0.20
N GLY B 116 -0.31 -22.53 1.43
CA GLY B 116 0.98 -22.43 2.10
C GLY B 116 2.15 -23.01 1.32
N ASP B 117 1.95 -24.18 0.69
CA ASP B 117 2.96 -24.84 -0.12
CA ASP B 117 2.99 -24.82 -0.10
C ASP B 117 3.47 -23.93 -1.25
N LEU B 118 2.57 -23.18 -1.87
CA LEU B 118 2.88 -22.28 -2.97
C LEU B 118 3.62 -21.02 -2.47
N LEU B 119 3.23 -20.53 -1.29
CA LEU B 119 3.86 -19.37 -0.69
C LEU B 119 5.28 -19.74 -0.20
N ILE B 120 5.49 -20.97 0.32
CA ILE B 120 6.82 -21.44 0.74
C ILE B 120 7.73 -21.53 -0.49
N SER B 121 7.20 -21.95 -1.66
CA SER B 121 8.02 -22.03 -2.87
CA SER B 121 8.00 -22.04 -2.87
C SER B 121 8.43 -20.65 -3.35
N GLN B 122 7.49 -19.69 -3.35
CA GLN B 122 7.79 -18.34 -3.78
C GLN B 122 8.82 -17.65 -2.88
N PHE B 123 8.67 -17.80 -1.56
CA PHE B 123 9.52 -17.08 -0.62
C PHE B 123 10.69 -17.91 -0.09
N SER B 124 11.15 -18.90 -0.87
CA SER B 124 12.31 -19.70 -0.52
C SER B 124 13.13 -20.04 -1.77
N GLY B 125 14.38 -20.46 -1.57
CA GLY B 125 15.28 -20.86 -2.65
C GLY B 125 15.65 -19.74 -3.60
N PRO B 126 16.02 -20.10 -4.83
CA PRO B 126 16.40 -19.08 -5.83
C PRO B 126 15.36 -17.99 -6.10
N SER B 127 14.06 -18.30 -6.03
CA SER B 127 13.03 -17.27 -6.25
C SER B 127 13.08 -16.20 -5.14
N ALA B 128 13.37 -16.60 -3.89
CA ALA B 128 13.51 -15.62 -2.80
C ALA B 128 14.75 -14.76 -3.00
N GLU B 129 15.86 -15.36 -3.50
CA GLU B 129 17.12 -14.64 -3.78
C GLU B 129 16.91 -13.58 -4.87
N GLN B 130 16.16 -13.92 -5.92
CA GLN B 130 15.91 -13.00 -7.00
CA GLN B 130 15.85 -13.05 -7.02
C GLN B 130 14.99 -11.85 -6.57
N MET B 131 14.01 -12.11 -5.68
CA MET B 131 13.13 -11.03 -5.17
C MET B 131 13.91 -10.10 -4.25
N CYS B 132 14.77 -10.66 -3.38
CA CYS B 132 15.61 -9.90 -2.46
C CYS B 132 16.58 -9.00 -3.23
N LYS B 133 17.28 -9.57 -4.21
CA LYS B 133 18.22 -8.87 -5.08
C LYS B 133 17.52 -7.71 -5.83
N THR B 134 16.36 -7.99 -6.47
CA THR B 134 15.63 -7.03 -7.28
C THR B 134 15.03 -5.89 -6.46
N TYR B 135 14.47 -6.18 -5.26
CA TYR B 135 13.86 -5.13 -4.43
C TYR B 135 14.91 -4.23 -3.74
N SER B 136 16.06 -4.79 -3.35
CA SER B 136 17.16 -4.00 -2.77
C SER B 136 17.65 -2.98 -3.81
N GLU B 137 17.78 -3.41 -5.07
CA GLU B 137 18.22 -2.60 -6.20
C GLU B 137 17.14 -1.54 -6.50
N PHE B 138 15.85 -1.97 -6.63
CA PHE B 138 14.72 -1.09 -6.90
C PHE B 138 14.52 0.02 -5.86
N CYS B 139 14.47 -0.35 -4.59
CA CYS B 139 14.22 0.58 -3.52
C CYS B 139 15.40 1.53 -3.24
N SER B 140 16.63 1.15 -3.67
CA SER B 140 17.78 2.06 -3.56
C SER B 140 17.80 3.08 -4.73
N ARG B 141 17.03 2.82 -5.81
CA ARG B 141 16.95 3.70 -6.97
C ARG B 141 15.64 4.50 -7.07
N HIS B 142 14.76 4.32 -6.08
CA HIS B 142 13.45 4.93 -5.94
C HIS B 142 13.55 6.47 -5.91
N SER B 143 14.35 7.04 -5.00
CA SER B 143 14.49 8.49 -4.91
CA SER B 143 14.51 8.50 -4.90
C SER B 143 15.04 9.11 -6.19
N LYS B 144 16.07 8.48 -6.78
CA LYS B 144 16.71 8.94 -8.00
C LYS B 144 15.74 8.90 -9.18
N ALA B 145 14.82 7.92 -9.21
CA ALA B 145 13.82 7.83 -10.26
C ALA B 145 12.83 9.00 -10.20
N LEU B 146 12.38 9.37 -8.97
CA LEU B 146 11.44 10.48 -8.74
C LEU B 146 12.08 11.82 -9.09
N LYS B 147 13.35 12.03 -8.69
CA LYS B 147 14.04 13.28 -8.99
C LYS B 147 14.24 13.44 -10.50
N LEU B 148 14.62 12.36 -11.18
CA LEU B 148 14.78 12.36 -12.63
C LEU B 148 13.42 12.68 -13.31
N TYR B 149 12.32 12.14 -12.78
CA TYR B 149 10.99 12.37 -13.32
C TYR B 149 10.63 13.85 -13.22
N LYS B 150 10.90 14.45 -12.06
CA LYS B 150 10.62 15.85 -11.77
C LYS B 150 11.45 16.77 -12.64
N GLU B 151 12.72 16.43 -12.90
CA GLU B 151 13.57 17.25 -13.76
CA GLU B 151 13.57 17.25 -13.76
C GLU B 151 13.02 17.25 -15.20
N LEU B 152 12.72 16.05 -15.76
CA LEU B 152 12.21 15.91 -17.12
C LEU B 152 10.86 16.60 -17.33
N TYR B 153 9.92 16.42 -16.39
CA TYR B 153 8.61 17.05 -16.50
C TYR B 153 8.74 18.58 -16.48
N ALA B 154 9.64 19.12 -15.66
CA ALA B 154 9.84 20.56 -15.57
C ALA B 154 10.58 21.19 -16.76
N ARG B 155 11.56 20.50 -17.35
CA ARG B 155 12.36 21.07 -18.44
CA ARG B 155 12.41 21.01 -18.44
C ARG B 155 11.96 20.67 -19.87
N ASP B 156 11.50 19.42 -20.12
CA ASP B 156 11.13 19.02 -21.49
C ASP B 156 9.62 19.07 -21.83
N LYS B 157 9.27 19.89 -22.85
CA LYS B 157 7.91 20.10 -23.34
C LYS B 157 7.32 18.82 -23.93
N ARG B 158 8.12 18.09 -24.73
CA ARG B 158 7.66 16.85 -25.34
C ARG B 158 7.43 15.74 -24.32
N PHE B 159 8.17 15.75 -23.20
CA PHE B 159 8.01 14.79 -22.11
C PHE B 159 6.71 15.12 -21.34
N GLN B 160 6.46 16.40 -21.11
CA GLN B 160 5.27 16.90 -20.42
C GLN B 160 4.04 16.52 -21.23
N GLN B 161 4.06 16.76 -22.56
CA GLN B 161 2.94 16.40 -23.44
C GLN B 161 2.70 14.90 -23.48
N PHE B 162 3.78 14.09 -23.46
CA PHE B 162 3.67 12.64 -23.48
C PHE B 162 2.98 12.15 -22.21
N ILE B 163 3.43 12.64 -21.04
CA ILE B 163 2.87 12.26 -19.75
C ILE B 163 1.42 12.65 -19.64
N ARG B 164 1.07 13.88 -19.99
CA ARG B 164 -0.29 14.37 -19.95
C ARG B 164 -1.21 13.55 -20.85
N LYS B 165 -0.71 13.14 -22.01
CA LYS B 165 -1.44 12.33 -22.97
C LYS B 165 -1.71 10.88 -22.52
N VAL B 166 -0.67 10.15 -22.10
CA VAL B 166 -0.84 8.74 -21.71
C VAL B 166 -1.50 8.55 -20.36
N THR B 167 -1.49 9.57 -19.49
CA THR B 167 -2.13 9.46 -18.19
C THR B 167 -3.51 10.15 -18.14
N ARG B 168 -3.98 10.75 -19.27
CA ARG B 168 -5.29 11.41 -19.33
C ARG B 168 -6.49 10.46 -19.09
N PRO B 169 -6.52 9.21 -19.60
CA PRO B 169 -7.67 8.32 -19.32
C PRO B 169 -7.97 8.14 -17.83
N ALA B 170 -9.28 8.04 -17.49
CA ALA B 170 -9.76 7.86 -16.12
C ALA B 170 -9.23 6.59 -15.44
N VAL B 171 -9.05 5.49 -16.18
CA VAL B 171 -8.51 4.26 -15.59
C VAL B 171 -7.06 4.44 -15.10
N LEU B 172 -6.36 5.52 -15.50
CA LEU B 172 -5.00 5.84 -15.05
C LEU B 172 -4.97 6.88 -13.91
N LYS B 173 -6.12 7.21 -13.31
CA LYS B 173 -6.23 8.24 -12.27
C LYS B 173 -5.22 8.11 -11.15
N ARG B 174 -5.03 6.88 -10.61
CA ARG B 174 -4.07 6.68 -9.55
C ARG B 174 -2.81 5.93 -10.00
N HIS B 175 -2.45 6.06 -11.28
CA HIS B 175 -1.33 5.32 -11.83
C HIS B 175 -0.32 6.16 -12.60
N GLY B 176 0.02 7.33 -12.10
CA GLY B 176 1.08 8.13 -12.70
C GLY B 176 2.44 7.47 -12.48
N VAL B 177 3.50 8.05 -13.03
CA VAL B 177 4.85 7.52 -12.90
C VAL B 177 5.31 7.41 -11.43
N GLN B 178 5.04 8.42 -10.63
CA GLN B 178 5.44 8.43 -9.22
C GLN B 178 4.59 7.49 -8.36
N GLU B 179 3.29 7.38 -8.68
CA GLU B 179 2.36 6.51 -8.00
C GLU B 179 2.75 5.05 -8.26
N CYS B 180 3.15 4.71 -9.49
CA CYS B 180 3.54 3.34 -9.85
C CYS B 180 4.78 2.91 -9.07
N ILE B 181 5.73 3.84 -8.88
CA ILE B 181 6.98 3.58 -8.19
C ILE B 181 6.72 3.36 -6.69
N LEU B 182 5.79 4.13 -6.08
CA LEU B 182 5.49 3.91 -4.67
C LEU B 182 4.62 2.64 -4.50
N LEU B 183 3.71 2.38 -5.44
CA LEU B 183 2.87 1.17 -5.43
C LEU B 183 3.72 -0.08 -5.42
N VAL B 184 4.80 -0.08 -6.22
CA VAL B 184 5.72 -1.23 -6.32
C VAL B 184 6.50 -1.39 -5.04
N THR B 185 7.12 -0.32 -4.50
CA THR B 185 7.86 -0.33 -3.24
C THR B 185 6.99 -0.82 -2.06
N GLN B 186 5.78 -0.26 -1.91
CA GLN B 186 4.89 -0.66 -0.82
C GLN B 186 4.40 -2.11 -0.89
N ARG B 187 4.32 -2.74 -2.09
CA ARG B 187 3.82 -4.11 -2.28
C ARG B 187 4.43 -5.15 -1.37
N ILE B 188 5.76 -5.24 -1.29
CA ILE B 188 6.41 -6.26 -0.48
C ILE B 188 5.97 -6.26 0.98
N THR B 189 5.74 -5.08 1.59
CA THR B 189 5.30 -5.02 2.97
C THR B 189 3.83 -5.37 3.17
N LYS B 190 3.04 -5.59 2.08
CA LYS B 190 1.64 -5.98 2.23
C LYS B 190 1.51 -7.48 2.46
N TYR B 191 2.46 -8.31 1.97
CA TYR B 191 2.40 -9.78 2.08
C TYR B 191 2.25 -10.31 3.52
N PRO B 192 3.02 -9.85 4.53
CA PRO B 192 2.82 -10.40 5.88
C PRO B 192 1.44 -10.10 6.44
N LEU B 193 0.84 -8.95 6.09
CA LEU B 193 -0.49 -8.59 6.55
C LEU B 193 -1.51 -9.59 5.96
N LEU B 194 -1.41 -9.86 4.64
CA LEU B 194 -2.32 -10.80 3.96
C LEU B 194 -2.17 -12.24 4.46
N ILE B 195 -0.93 -12.76 4.55
CA ILE B 195 -0.65 -14.11 5.03
C ILE B 195 -1.06 -14.32 6.50
N SER B 196 -0.87 -13.32 7.40
CA SER B 196 -1.25 -13.47 8.81
CA SER B 196 -1.26 -13.50 8.80
CA SER B 196 -1.27 -13.48 8.80
C SER B 196 -2.77 -13.60 8.97
N ARG B 197 -3.54 -12.91 8.12
CA ARG B 197 -4.99 -12.95 8.21
C ARG B 197 -5.54 -14.27 7.56
N ILE B 198 -4.82 -14.81 6.55
CA ILE B 198 -5.17 -16.11 5.96
C ILE B 198 -4.91 -17.19 7.05
N LEU B 199 -3.79 -17.09 7.75
CA LEU B 199 -3.39 -17.98 8.84
C LEU B 199 -4.41 -17.96 9.99
N GLN B 200 -4.97 -16.79 10.29
CA GLN B 200 -5.99 -16.62 11.32
C GLN B 200 -7.22 -17.53 11.06
N HIS B 201 -7.52 -17.82 9.77
CA HIS B 201 -8.67 -18.62 9.39
C HIS B 201 -8.31 -19.96 8.76
N SER B 202 -7.12 -20.50 9.10
CA SER B 202 -6.65 -21.73 8.52
C SER B 202 -6.21 -22.75 9.56
N HIS B 203 -6.87 -22.74 10.72
CA HIS B 203 -6.54 -23.67 11.80
C HIS B 203 -7.22 -25.06 11.67
N GLY B 204 -8.21 -25.18 10.80
CA GLY B 204 -8.96 -26.41 10.57
C GLY B 204 -8.07 -27.57 10.20
N ILE B 205 -7.13 -27.35 9.25
CA ILE B 205 -6.16 -28.38 8.86
CA ILE B 205 -6.17 -28.39 8.86
C ILE B 205 -4.83 -27.99 9.49
N GLU B 206 -4.21 -28.90 10.26
CA GLU B 206 -2.95 -28.60 10.91
C GLU B 206 -1.79 -28.42 9.91
N GLU B 207 -1.75 -29.19 8.81
CA GLU B 207 -0.70 -29.05 7.79
C GLU B 207 -0.76 -27.66 7.17
N GLU B 208 -1.99 -27.16 6.88
CA GLU B 208 -2.14 -25.84 6.30
C GLU B 208 -1.69 -24.72 7.25
N ARG B 209 -2.03 -24.84 8.55
CA ARG B 209 -1.61 -23.86 9.56
C ARG B 209 -0.08 -23.81 9.66
N GLN B 210 0.58 -24.97 9.56
CA GLN B 210 2.03 -25.02 9.63
C GLN B 210 2.72 -24.47 8.37
N ASP B 211 2.17 -24.75 7.16
CA ASP B 211 2.75 -24.25 5.91
C ASP B 211 2.68 -22.70 5.84
N LEU B 212 1.57 -22.12 6.32
CA LEU B 212 1.35 -20.68 6.33
C LEU B 212 2.21 -20.01 7.39
N THR B 213 2.42 -20.67 8.54
CA THR B 213 3.28 -20.17 9.60
C THR B 213 4.73 -20.12 9.05
N THR B 214 5.15 -21.14 8.29
CA THR B 214 6.48 -21.14 7.69
C THR B 214 6.60 -20.00 6.66
N ALA B 215 5.63 -19.89 5.74
CA ALA B 215 5.59 -18.87 4.70
C ALA B 215 5.64 -17.48 5.29
N LEU B 216 4.93 -17.23 6.42
CA LEU B 216 4.96 -15.94 7.11
C LEU B 216 6.38 -15.58 7.56
N GLY B 217 7.06 -16.53 8.20
CA GLY B 217 8.44 -16.39 8.63
C GLY B 217 9.40 -16.17 7.47
N LEU B 218 9.16 -16.82 6.31
CA LEU B 218 10.00 -16.63 5.14
C LEU B 218 9.87 -15.22 4.57
N VAL B 219 8.64 -14.66 4.52
CA VAL B 219 8.36 -13.32 4.01
C VAL B 219 9.03 -12.27 4.90
N LYS B 220 8.93 -12.43 6.23
CA LYS B 220 9.54 -11.51 7.17
C LYS B 220 11.06 -11.55 7.08
N GLU B 221 11.64 -12.74 6.82
CA GLU B 221 13.09 -12.85 6.67
CA GLU B 221 13.09 -12.85 6.67
C GLU B 221 13.52 -12.11 5.40
N LEU B 222 12.74 -12.20 4.32
CA LEU B 222 12.99 -11.53 3.05
C LEU B 222 12.89 -10.00 3.21
N LEU B 223 11.83 -9.52 3.90
CA LEU B 223 11.64 -8.09 4.15
C LEU B 223 12.77 -7.50 4.98
N SER B 224 13.28 -8.27 5.94
CA SER B 224 14.38 -7.79 6.77
CA SER B 224 14.39 -7.82 6.79
C SER B 224 15.68 -7.72 5.96
N ASN B 225 15.88 -8.65 5.01
CA ASN B 225 17.06 -8.65 4.15
C ASN B 225 17.00 -7.48 3.15
N VAL B 226 15.82 -7.23 2.54
CA VAL B 226 15.62 -6.13 1.60
C VAL B 226 15.92 -4.79 2.32
N ASP B 227 15.35 -4.61 3.51
CA ASP B 227 15.53 -3.42 4.32
C ASP B 227 17.01 -3.16 4.66
N GLU B 228 17.78 -4.21 4.92
CA GLU B 228 19.19 -4.06 5.25
C GLU B 228 20.09 -3.76 4.04
N GLY B 229 19.64 -4.10 2.84
CA GLY B 229 20.43 -3.84 1.65
C GLY B 229 20.14 -2.52 0.95
N ILE B 230 19.33 -1.66 1.55
CA ILE B 230 18.95 -0.38 0.95
C ILE B 230 19.87 0.78 1.35
N TYR B 231 20.26 1.59 0.36
CA TYR B 231 21.02 2.82 0.52
C TYR B 231 20.63 3.72 -0.65
N GLN B 232 19.93 4.85 -0.39
CA GLN B 232 19.48 5.74 -1.47
C GLN B 232 20.60 6.28 -2.34
N LEU B 233 20.44 6.11 -3.65
CA LEU B 233 21.40 6.61 -4.63
C LEU B 233 20.98 8.02 -4.98
N GLU B 234 21.96 8.93 -5.12
CA GLU B 234 21.66 10.31 -5.49
C GLU B 234 22.35 10.65 -6.83
N LYS B 235 21.67 11.41 -7.70
CA LYS B 235 22.28 11.78 -8.99
C LYS B 235 23.30 12.90 -8.78
N GLY B 236 24.57 12.54 -8.93
CA GLY B 236 25.68 13.47 -8.72
C GLY B 236 26.21 13.44 -7.30
N ALA B 237 26.04 12.29 -6.61
CA ALA B 237 26.52 12.12 -5.25
C ALA B 237 28.03 11.87 -5.29
N ARG B 238 28.78 12.74 -4.61
CA ARG B 238 30.23 12.61 -4.57
C ARG B 238 30.66 11.42 -3.72
N LEU B 239 31.87 10.92 -3.97
CA LEU B 239 32.41 9.78 -3.24
CA LEU B 239 32.40 9.78 -3.24
C LEU B 239 32.57 10.10 -1.76
N GLN B 240 33.02 11.33 -1.44
CA GLN B 240 33.23 11.77 -0.07
C GLN B 240 31.96 11.65 0.76
N GLU B 241 30.80 11.95 0.16
CA GLU B 241 29.51 11.86 0.84
C GLU B 241 29.12 10.42 1.11
N ILE B 242 29.40 9.53 0.15
CA ILE B 242 29.09 8.10 0.24
C ILE B 242 29.88 7.38 1.35
N TYR B 243 31.22 7.56 1.42
CA TYR B 243 32.01 6.87 2.44
C TYR B 243 31.97 7.55 3.83
N ASN B 244 31.26 8.68 3.99
CA ASN B 244 31.17 9.34 5.30
C ASN B 244 29.87 9.03 6.01
#